data_9KF1
#
_entry.id   9KF1
#
_cell.length_a   129.420
_cell.length_b   33.040
_cell.length_c   64.240
_cell.angle_alpha   90.000
_cell.angle_beta   102.881
_cell.angle_gamma   90.000
#
_symmetry.space_group_name_H-M   'C 1 2 1'
#
loop_
_entity.id
_entity.type
_entity.pdbx_description
1 polymer 'Sulfotransferase family protein'
2 non-polymer 'PHOSPHATE ION'
3 non-polymer 'MAGNESIUM ION'
4 water water
#
_entity_poly.entity_id   1
_entity_poly.type   'polypeptide(L)'
_entity_poly.pdbx_seq_one_letter_code
;ATSMKIIGAGFGRTGTLSVKAALETLGLGPCYHMLTTFEEPGHLRLWNAVSRGERVDWAEIFARYRSTVDWPACDHWETL
AKEYPEAKVLLTVRDSERWYDSFRQTLAPLWSAESADPELAEYLDLVRHITAHTFGGRLDDRAHAIAVFEEHNRRVRASI
PSERLLVFDVREGWEPLCAFFGRPVPPDTPFPHLNDRAAFQELLSRRLAHRG
;
_entity_poly.pdbx_strand_id   A
#
# COMPACT_ATOMS: atom_id res chain seq x y z
N SER A 3 10.88 8.97 13.09
CA SER A 3 10.93 8.95 11.60
C SER A 3 10.46 7.58 11.05
N MET A 4 9.84 7.63 9.88
CA MET A 4 9.47 6.41 9.17
C MET A 4 10.73 5.71 8.67
N LYS A 5 10.74 4.37 8.82
N LYS A 5 10.76 4.41 8.70
CA LYS A 5 11.78 3.41 8.48
CA LYS A 5 11.92 3.70 8.17
C LYS A 5 11.59 2.83 7.08
C LYS A 5 11.61 2.81 6.98
N ILE A 6 10.34 2.60 6.66
CA ILE A 6 9.99 1.88 5.44
C ILE A 6 8.82 2.56 4.78
N ILE A 7 8.95 2.88 3.51
CA ILE A 7 7.88 3.42 2.68
CA ILE A 7 7.87 3.41 2.69
C ILE A 7 7.45 2.30 1.74
N GLY A 8 6.25 1.76 1.94
CA GLY A 8 5.72 0.74 1.06
C GLY A 8 5.13 1.35 -0.20
N ALA A 9 5.67 0.94 -1.33
CA ALA A 9 5.31 1.51 -2.62
C ALA A 9 4.45 0.59 -3.46
N GLY A 10 4.12 -0.58 -3.00
CA GLY A 10 3.30 -1.50 -3.79
C GLY A 10 1.82 -1.21 -3.63
N PHE A 11 1.09 -1.46 -4.72
CA PHE A 11 -0.36 -1.36 -4.72
C PHE A 11 -0.99 -2.33 -3.72
N GLY A 12 -2.19 -1.99 -3.30
CA GLY A 12 -2.99 -2.97 -2.63
C GLY A 12 -3.17 -4.21 -3.47
N ARG A 13 -3.50 -5.32 -2.78
CA ARG A 13 -3.66 -6.64 -3.35
C ARG A 13 -2.36 -7.31 -3.76
N THR A 14 -1.27 -6.92 -3.09
CA THR A 14 0.05 -7.54 -3.20
C THR A 14 0.44 -8.18 -1.87
N GLY A 15 -0.51 -8.77 -1.15
CA GLY A 15 -0.24 -9.41 0.14
C GLY A 15 0.07 -8.44 1.25
N THR A 16 -0.47 -7.23 1.22
CA THR A 16 -0.03 -6.19 2.14
C THR A 16 -0.37 -6.48 3.61
N LEU A 17 -1.47 -7.14 3.93
N LEU A 17 -1.50 -7.10 3.92
CA LEU A 17 -1.76 -7.39 5.35
CA LEU A 17 -1.78 -7.40 5.32
C LEU A 17 -0.78 -8.41 5.91
C LEU A 17 -0.71 -8.34 5.86
N SER A 18 -0.33 -9.34 5.07
CA SER A 18 0.67 -10.30 5.51
C SER A 18 2.03 -9.61 5.64
N VAL A 19 2.38 -8.72 4.73
CA VAL A 19 3.61 -7.96 4.87
C VAL A 19 3.58 -7.08 6.11
N LYS A 20 2.47 -6.43 6.39
CA LYS A 20 2.29 -5.64 7.58
C LYS A 20 2.65 -6.48 8.80
N ALA A 21 2.05 -7.67 8.92
CA ALA A 21 2.34 -8.54 10.04
C ALA A 21 3.81 -8.93 10.08
N ALA A 22 4.38 -9.26 8.94
CA ALA A 22 5.79 -9.67 8.90
C ALA A 22 6.71 -8.55 9.36
N LEU A 23 6.45 -7.32 8.90
CA LEU A 23 7.28 -6.18 9.33
C LEU A 23 7.14 -5.94 10.82
N GLU A 24 5.94 -6.08 11.38
CA GLU A 24 5.76 -5.92 12.82
C GLU A 24 6.48 -7.01 13.60
N THR A 25 6.49 -8.25 13.09
CA THR A 25 7.21 -9.34 13.75
C THR A 25 8.69 -9.06 13.79
N LEU A 26 9.23 -8.44 12.74
CA LEU A 26 10.64 -8.11 12.66
C LEU A 26 11.01 -6.86 13.43
N GLY A 27 10.08 -6.23 14.12
CA GLY A 27 10.34 -5.06 14.92
C GLY A 27 10.38 -3.77 14.15
N LEU A 28 9.76 -3.74 12.99
CA LEU A 28 9.84 -2.62 12.08
C LEU A 28 8.52 -1.83 12.02
N GLY A 29 7.63 -2.06 12.97
CA GLY A 29 6.37 -1.36 13.04
C GLY A 29 6.36 -0.32 14.14
N PRO A 30 5.18 0.24 14.45
CA PRO A 30 3.89 -0.09 13.84
C PRO A 30 3.83 0.21 12.37
N CYS A 31 3.14 -0.64 11.63
CA CYS A 31 2.98 -0.52 10.20
C CYS A 31 1.59 -0.04 9.83
N TYR A 32 1.54 1.04 9.06
CA TYR A 32 0.29 1.59 8.54
C TYR A 32 -0.17 0.74 7.35
N HIS A 33 -1.48 0.63 7.18
CA HIS A 33 -2.11 -0.14 6.10
C HIS A 33 -3.38 0.61 5.74
N MET A 34 -3.98 0.23 4.60
N MET A 34 -3.96 0.25 4.60
CA MET A 34 -5.24 0.85 4.21
CA MET A 34 -5.24 0.84 4.21
C MET A 34 -6.28 0.80 5.32
C MET A 34 -6.26 0.80 5.34
N LEU A 35 -6.33 -0.33 6.04
CA LEU A 35 -7.35 -0.47 7.09
C LEU A 35 -7.07 0.40 8.32
N THR A 36 -5.82 0.89 8.47
CA THR A 36 -5.52 1.78 9.57
C THR A 36 -6.28 3.09 9.45
N THR A 37 -6.62 3.48 8.22
CA THR A 37 -7.30 4.76 8.05
C THR A 37 -8.67 4.77 8.72
N PHE A 38 -9.28 3.60 8.89
CA PHE A 38 -10.56 3.50 9.59
C PHE A 38 -10.41 3.49 11.10
N GLU A 39 -9.23 3.16 11.60
CA GLU A 39 -8.97 3.12 13.02
C GLU A 39 -8.41 4.42 13.57
N GLU A 40 -7.94 5.32 12.70
CA GLU A 40 -7.30 6.54 13.14
C GLU A 40 -8.23 7.71 12.86
N PRO A 41 -8.84 8.28 13.88
CA PRO A 41 -9.78 9.39 13.65
C PRO A 41 -9.15 10.54 12.88
N GLY A 42 -9.87 10.98 11.85
CA GLY A 42 -9.42 12.10 11.05
C GLY A 42 -8.47 11.78 9.93
N HIS A 43 -7.97 10.54 9.84
CA HIS A 43 -6.95 10.25 8.85
C HIS A 43 -7.49 10.26 7.43
N LEU A 44 -8.74 9.82 7.22
CA LEU A 44 -9.25 9.86 5.86
C LEU A 44 -9.38 11.31 5.36
N ARG A 45 -9.76 12.22 6.26
CA ARG A 45 -9.80 13.65 5.93
C ARG A 45 -8.44 14.11 5.46
N LEU A 46 -7.39 13.72 6.19
CA LEU A 46 -6.04 14.13 5.83
C LEU A 46 -5.60 13.55 4.50
N TRP A 47 -5.89 12.27 4.25
CA TRP A 47 -5.51 11.66 2.99
C TRP A 47 -6.24 12.30 1.81
N ASN A 48 -7.50 12.69 2.00
N ASN A 48 -7.50 12.69 2.00
CA ASN A 48 -8.18 13.40 0.93
CA ASN A 48 -8.21 13.40 0.94
C ASN A 48 -7.53 14.74 0.67
C ASN A 48 -7.57 14.75 0.68
N ALA A 49 -7.12 15.44 1.73
CA ALA A 49 -6.39 16.70 1.52
C ALA A 49 -5.10 16.48 0.75
N VAL A 50 -4.33 15.45 1.11
CA VAL A 50 -3.14 15.10 0.33
C VAL A 50 -3.48 14.85 -1.13
N SER A 51 -4.57 14.11 -1.38
CA SER A 51 -4.96 13.76 -2.73
C SER A 51 -5.34 15.00 -3.54
N ARG A 52 -5.88 16.03 -2.89
CA ARG A 52 -6.25 17.27 -3.54
C ARG A 52 -5.04 18.16 -3.82
N GLY A 53 -3.87 17.75 -3.38
CA GLY A 53 -2.67 18.54 -3.61
C GLY A 53 -2.38 19.57 -2.53
N GLU A 54 -3.04 19.48 -1.39
CA GLU A 54 -2.82 20.43 -0.30
C GLU A 54 -1.57 20.03 0.47
N ARG A 55 -0.99 21.01 1.14
CA ARG A 55 0.14 20.73 2.03
C ARG A 55 -0.38 20.16 3.34
N VAL A 56 0.09 18.97 3.70
CA VAL A 56 -0.21 18.37 4.99
C VAL A 56 1.12 17.97 5.64
N ASP A 57 1.24 18.22 6.92
CA ASP A 57 2.39 17.74 7.67
C ASP A 57 2.31 16.23 7.81
N TRP A 58 3.28 15.54 7.20
CA TRP A 58 3.24 14.08 7.19
C TRP A 58 3.23 13.49 8.59
N ALA A 59 3.79 14.20 9.58
CA ALA A 59 3.77 13.66 10.93
C ALA A 59 2.36 13.57 11.51
N GLU A 60 1.42 14.38 11.02
CA GLU A 60 0.04 14.26 11.45
C GLU A 60 -0.55 12.89 11.10
N ILE A 61 0.01 12.21 10.11
CA ILE A 61 -0.40 10.85 9.75
C ILE A 61 0.52 9.82 10.37
N PHE A 62 1.83 10.01 10.26
CA PHE A 62 2.78 8.93 10.48
C PHE A 62 3.57 9.00 11.78
N ALA A 63 3.31 9.96 12.66
CA ALA A 63 4.17 10.13 13.85
C ALA A 63 4.26 8.85 14.68
N ARG A 64 3.16 8.10 14.81
CA ARG A 64 3.14 6.89 15.63
C ARG A 64 3.44 5.61 14.85
N TYR A 65 3.93 5.73 13.64
CA TYR A 65 4.18 4.62 12.73
C TYR A 65 5.65 4.63 12.32
N ARG A 66 6.14 3.46 11.92
CA ARG A 66 7.51 3.35 11.41
C ARG A 66 7.56 2.73 10.02
N SER A 67 6.44 2.25 9.50
CA SER A 67 6.38 1.64 8.19
C SER A 67 4.96 1.81 7.65
N THR A 68 4.81 1.67 6.33
CA THR A 68 3.52 1.74 5.67
C THR A 68 3.55 0.76 4.51
N VAL A 69 2.38 0.17 4.23
CA VAL A 69 2.13 -0.63 3.03
C VAL A 69 0.75 -0.29 2.48
N ASP A 70 0.52 -0.66 1.21
CA ASP A 70 -0.80 -0.52 0.56
C ASP A 70 -1.11 0.93 0.24
N TRP A 71 -2.30 1.13 -0.34
CA TRP A 71 -2.92 2.42 -0.36
C TRP A 71 -3.22 2.86 1.06
N PRO A 72 -3.35 4.15 1.30
CA PRO A 72 -3.18 5.27 0.34
C PRO A 72 -1.75 5.68 0.12
N ALA A 73 -0.79 5.24 0.94
CA ALA A 73 0.54 5.82 0.86
C ALA A 73 1.30 5.41 -0.38
N CYS A 74 1.00 4.27 -0.98
CA CYS A 74 1.84 3.80 -2.09
C CYS A 74 1.82 4.77 -3.24
N ASP A 75 0.75 5.53 -3.41
CA ASP A 75 0.68 6.46 -4.54
C ASP A 75 1.59 7.66 -4.32
N HIS A 76 2.08 7.85 -3.10
CA HIS A 76 2.88 8.99 -2.69
C HIS A 76 4.31 8.57 -2.37
N TRP A 77 4.75 7.45 -2.92
CA TRP A 77 6.09 6.92 -2.60
C TRP A 77 7.19 7.93 -2.92
N GLU A 78 7.06 8.67 -4.01
CA GLU A 78 8.15 9.58 -4.40
C GLU A 78 8.30 10.72 -3.40
N THR A 79 7.19 11.37 -3.02
CA THR A 79 7.25 12.43 -2.02
CA THR A 79 7.35 12.44 -2.05
C THR A 79 7.70 11.89 -0.67
N LEU A 80 7.20 10.72 -0.31
CA LEU A 80 7.53 10.17 1.01
C LEU A 80 8.99 9.75 1.09
N ALA A 81 9.54 9.22 -0.01
CA ALA A 81 10.96 8.87 -0.02
C ALA A 81 11.83 10.12 0.15
N LYS A 82 11.37 11.28 -0.34
N LYS A 82 11.38 11.27 -0.35
CA LYS A 82 12.13 12.52 -0.14
CA LYS A 82 12.10 12.51 -0.14
C LYS A 82 11.89 13.10 1.25
C LYS A 82 11.91 13.02 1.29
N GLU A 83 10.70 12.90 1.82
CA GLU A 83 10.39 13.38 3.17
C GLU A 83 11.19 12.62 4.24
N TYR A 84 11.40 11.33 4.01
CA TYR A 84 12.06 10.44 4.96
C TYR A 84 13.26 9.85 4.23
N PRO A 85 14.33 10.62 4.08
CA PRO A 85 15.44 10.18 3.20
C PRO A 85 16.18 8.96 3.71
N GLU A 86 16.07 8.63 4.99
CA GLU A 86 16.74 7.46 5.54
C GLU A 86 15.87 6.22 5.46
N ALA A 87 14.58 6.36 5.14
CA ALA A 87 13.72 5.21 5.02
C ALA A 87 14.09 4.40 3.80
N LYS A 88 13.94 3.08 3.89
CA LYS A 88 14.02 2.20 2.75
C LYS A 88 12.68 2.19 2.03
N VAL A 89 12.67 1.74 0.78
CA VAL A 89 11.43 1.58 0.03
C VAL A 89 11.20 0.11 -0.23
N LEU A 90 9.98 -0.35 0.03
CA LEU A 90 9.57 -1.74 -0.14
C LEU A 90 8.48 -1.76 -1.22
N LEU A 91 8.80 -2.38 -2.34
CA LEU A 91 7.86 -2.47 -3.47
C LEU A 91 7.30 -3.88 -3.42
N THR A 92 6.06 -4.01 -2.90
CA THR A 92 5.39 -5.31 -2.90
C THR A 92 4.76 -5.56 -4.27
N VAL A 93 5.03 -6.73 -4.83
CA VAL A 93 4.59 -7.08 -6.18
C VAL A 93 3.95 -8.46 -6.18
N ARG A 94 3.41 -8.84 -7.35
CA ARG A 94 2.65 -10.07 -7.52
C ARG A 94 2.50 -10.32 -9.01
N ASP A 95 2.34 -11.59 -9.39
CA ASP A 95 1.87 -11.94 -10.74
C ASP A 95 0.71 -11.04 -11.14
N SER A 96 0.77 -10.46 -12.38
CA SER A 96 -0.19 -9.44 -12.75
C SER A 96 -1.62 -9.98 -12.86
N GLU A 97 -1.78 -11.18 -13.38
CA GLU A 97 -3.11 -11.78 -13.54
C GLU A 97 -3.74 -12.04 -12.18
N ARG A 98 -2.95 -12.56 -11.24
CA ARG A 98 -3.46 -12.78 -9.89
C ARG A 98 -3.75 -11.47 -9.16
N TRP A 99 -2.87 -10.47 -9.34
CA TRP A 99 -3.12 -9.15 -8.79
C TRP A 99 -4.49 -8.64 -9.25
N TYR A 100 -4.75 -8.65 -10.57
CA TYR A 100 -6.01 -8.12 -11.03
C TYR A 100 -7.19 -8.97 -10.58
N ASP A 101 -7.04 -10.30 -10.59
CA ASP A 101 -8.08 -11.18 -10.02
C ASP A 101 -8.45 -10.68 -8.61
N SER A 102 -7.44 -10.53 -7.75
CA SER A 102 -7.72 -10.09 -6.39
C SER A 102 -8.32 -8.70 -6.33
N PHE A 103 -7.79 -7.76 -7.15
CA PHE A 103 -8.36 -6.43 -7.18
C PHE A 103 -9.83 -6.45 -7.61
N ARG A 104 -10.13 -7.18 -8.69
N ARG A 104 -10.18 -7.18 -8.66
CA ARG A 104 -11.51 -7.32 -9.18
CA ARG A 104 -11.58 -7.19 -9.11
C ARG A 104 -12.42 -7.90 -8.12
C ARG A 104 -12.50 -8.00 -8.20
N GLN A 105 -11.95 -8.93 -7.44
CA GLN A 105 -12.76 -9.69 -6.50
C GLN A 105 -12.95 -8.93 -5.21
N THR A 106 -12.05 -8.07 -4.84
CA THR A 106 -12.00 -7.46 -3.52
C THR A 106 -12.35 -5.98 -3.49
N LEU A 107 -11.77 -5.17 -4.39
CA LEU A 107 -11.86 -3.72 -4.31
C LEU A 107 -12.71 -3.09 -5.40
N ALA A 108 -12.65 -3.57 -6.63
CA ALA A 108 -13.35 -2.89 -7.71
C ALA A 108 -14.84 -2.67 -7.41
N PRO A 109 -15.61 -3.64 -6.92
CA PRO A 109 -17.04 -3.31 -6.62
C PRO A 109 -17.20 -2.21 -5.59
N LEU A 110 -16.44 -2.27 -4.50
CA LEU A 110 -16.52 -1.26 -3.45
C LEU A 110 -16.13 0.11 -3.99
N TRP A 111 -14.99 0.19 -4.69
CA TRP A 111 -14.52 1.47 -5.19
C TRP A 111 -15.46 2.08 -6.21
N SER A 112 -16.33 1.28 -6.82
CA SER A 112 -17.29 1.71 -7.83
C SER A 112 -18.66 2.00 -7.24
N ALA A 113 -18.81 1.86 -5.93
CA ALA A 113 -20.13 1.92 -5.30
C ALA A 113 -20.48 3.35 -4.89
N GLU A 114 -21.78 3.53 -4.65
CA GLU A 114 -22.30 4.71 -3.97
C GLU A 114 -22.91 4.24 -2.66
N SER A 115 -22.75 5.04 -1.63
CA SER A 115 -23.25 4.73 -0.30
C SER A 115 -23.95 5.96 0.24
N ALA A 116 -25.16 5.77 0.77
CA ALA A 116 -25.77 6.83 1.55
C ALA A 116 -25.06 7.00 2.88
N ASP A 117 -24.32 5.99 3.33
CA ASP A 117 -23.69 5.99 4.64
C ASP A 117 -22.67 7.10 4.71
N PRO A 118 -22.95 8.17 5.46
CA PRO A 118 -21.94 9.24 5.61
C PRO A 118 -20.61 8.75 6.17
N GLU A 119 -20.57 7.55 6.76
CA GLU A 119 -19.31 7.04 7.32
C GLU A 119 -18.39 6.41 6.27
N LEU A 120 -18.89 5.99 5.12
CA LEU A 120 -18.02 5.54 4.04
C LEU A 120 -17.67 6.66 3.08
N ALA A 121 -18.26 7.83 3.26
CA ALA A 121 -18.16 8.88 2.24
C ALA A 121 -16.73 9.32 2.05
N GLU A 122 -15.98 9.47 3.15
CA GLU A 122 -14.59 9.91 3.00
C GLU A 122 -13.74 8.87 2.32
N TYR A 123 -13.92 7.59 2.68
CA TYR A 123 -13.19 6.53 1.99
C TYR A 123 -13.54 6.51 0.51
N LEU A 124 -14.84 6.64 0.19
CA LEU A 124 -15.24 6.66 -1.20
C LEU A 124 -14.62 7.85 -1.92
N ASP A 125 -14.58 9.03 -1.29
CA ASP A 125 -13.90 10.16 -1.92
C ASP A 125 -12.45 9.79 -2.27
N LEU A 126 -11.77 9.14 -1.33
CA LEU A 126 -10.36 8.81 -1.53
C LEU A 126 -10.18 7.82 -2.68
N VAL A 127 -10.98 6.76 -2.72
CA VAL A 127 -10.77 5.74 -3.74
C VAL A 127 -11.27 6.22 -5.10
N ARG A 128 -12.22 7.15 -5.11
CA ARG A 128 -12.58 7.83 -6.36
C ARG A 128 -11.42 8.66 -6.85
N HIS A 129 -10.67 9.31 -5.96
N HIS A 129 -10.67 9.31 -5.93
CA HIS A 129 -9.50 10.02 -6.46
CA HIS A 129 -9.46 10.06 -6.30
C HIS A 129 -8.50 9.05 -7.05
C HIS A 129 -8.43 9.12 -6.95
N ILE A 130 -8.20 7.97 -6.33
CA ILE A 130 -7.24 7.00 -6.84
C ILE A 130 -7.68 6.49 -8.20
N THR A 131 -8.96 6.20 -8.34
CA THR A 131 -9.50 5.71 -9.60
C THR A 131 -9.24 6.71 -10.72
N ALA A 132 -9.50 7.98 -10.46
CA ALA A 132 -9.31 8.99 -11.51
C ALA A 132 -7.83 9.23 -11.79
N HIS A 133 -7.03 9.40 -10.74
CA HIS A 133 -5.64 9.84 -10.89
C HIS A 133 -4.71 8.70 -11.31
N THR A 134 -4.91 7.51 -10.77
CA THR A 134 -4.00 6.38 -11.03
C THR A 134 -4.54 5.44 -12.10
N PHE A 135 -5.83 5.16 -12.13
CA PHE A 135 -6.42 4.22 -13.09
C PHE A 135 -7.10 4.87 -14.28
N GLY A 136 -7.01 6.18 -14.43
CA GLY A 136 -7.58 6.84 -15.58
C GLY A 136 -9.07 6.68 -15.71
N GLY A 137 -9.76 6.43 -14.59
CA GLY A 137 -11.20 6.40 -14.52
C GLY A 137 -11.83 5.04 -14.75
N ARG A 138 -11.04 4.00 -14.98
N ARG A 138 -11.04 4.00 -14.97
CA ARG A 138 -11.56 2.68 -15.30
CA ARG A 138 -11.54 2.68 -15.33
C ARG A 138 -10.96 1.69 -14.32
C ARG A 138 -10.95 1.68 -14.34
N LEU A 139 -11.81 0.85 -13.74
CA LEU A 139 -11.37 -0.26 -12.89
C LEU A 139 -11.75 -1.62 -13.44
N ASP A 140 -12.70 -1.70 -14.36
CA ASP A 140 -13.28 -2.95 -14.83
C ASP A 140 -12.62 -3.49 -16.07
N ASP A 141 -11.46 -2.93 -16.48
CA ASP A 141 -10.74 -3.31 -17.69
C ASP A 141 -9.42 -3.96 -17.23
N ARG A 142 -9.30 -5.27 -17.43
CA ARG A 142 -8.12 -6.02 -17.00
C ARG A 142 -6.87 -5.54 -17.73
N ALA A 143 -6.93 -5.39 -19.04
CA ALA A 143 -5.74 -4.97 -19.79
C ALA A 143 -5.22 -3.65 -19.27
N HIS A 144 -6.11 -2.68 -19.10
N HIS A 144 -6.12 -2.69 -19.09
CA HIS A 144 -5.67 -1.36 -18.66
CA HIS A 144 -5.78 -1.34 -18.65
C HIS A 144 -5.18 -1.39 -17.22
C HIS A 144 -5.23 -1.34 -17.23
N ALA A 145 -5.89 -2.07 -16.33
CA ALA A 145 -5.47 -2.12 -14.94
C ALA A 145 -4.14 -2.81 -14.78
N ILE A 146 -3.92 -3.93 -15.46
CA ILE A 146 -2.61 -4.57 -15.43
C ILE A 146 -1.54 -3.64 -15.98
N ALA A 147 -1.82 -2.90 -17.06
CA ALA A 147 -0.84 -1.95 -17.59
C ALA A 147 -0.48 -0.91 -16.53
N VAL A 148 -1.46 -0.39 -15.81
CA VAL A 148 -1.24 0.60 -14.74
C VAL A 148 -0.36 0.01 -13.64
N PHE A 149 -0.68 -1.20 -13.17
CA PHE A 149 0.11 -1.89 -12.17
C PHE A 149 1.53 -2.06 -12.63
N GLU A 150 1.75 -2.59 -13.83
CA GLU A 150 3.09 -2.86 -14.29
C GLU A 150 3.87 -1.57 -14.48
N GLU A 151 3.24 -0.51 -14.99
CA GLU A 151 3.96 0.76 -15.14
C GLU A 151 4.31 1.36 -13.80
N HIS A 152 3.41 1.32 -12.83
CA HIS A 152 3.72 1.77 -11.48
C HIS A 152 4.97 1.08 -10.94
N ASN A 153 5.06 -0.23 -11.10
CA ASN A 153 6.18 -0.98 -10.55
C ASN A 153 7.45 -0.60 -11.27
N ARG A 154 7.39 -0.39 -12.59
CA ARG A 154 8.54 0.10 -13.35
C ARG A 154 9.01 1.46 -12.87
N ARG A 155 8.07 2.36 -12.61
N ARG A 155 8.10 2.37 -12.55
CA ARG A 155 8.42 3.70 -12.16
CA ARG A 155 8.52 3.71 -12.18
C ARG A 155 9.22 3.64 -10.87
C ARG A 155 9.14 3.75 -10.79
N VAL A 156 8.73 2.87 -9.90
CA VAL A 156 9.42 2.77 -8.61
C VAL A 156 10.82 2.22 -8.80
N ARG A 157 10.95 1.15 -9.57
CA ARG A 157 12.24 0.55 -9.81
C ARG A 157 13.20 1.49 -10.52
N ALA A 158 12.69 2.33 -11.41
CA ALA A 158 13.54 3.26 -12.12
C ALA A 158 13.90 4.50 -11.32
N SER A 159 13.21 4.82 -10.25
N SER A 159 13.25 4.75 -10.19
CA SER A 159 13.50 6.01 -9.46
CA SER A 159 13.39 5.99 -9.45
C SER A 159 14.37 5.72 -8.23
C SER A 159 13.99 5.88 -8.06
N ILE A 160 14.05 4.69 -7.47
CA ILE A 160 14.72 4.47 -6.20
C ILE A 160 15.98 3.65 -6.51
N PRO A 161 17.14 4.07 -6.00
CA PRO A 161 18.38 3.33 -6.23
C PRO A 161 18.26 1.92 -5.68
N SER A 162 18.92 1.01 -6.40
N SER A 162 18.91 0.98 -6.35
CA SER A 162 18.86 -0.39 -6.06
CA SER A 162 18.70 -0.40 -5.99
C SER A 162 19.06 -0.61 -4.57
C SER A 162 19.19 -0.76 -4.58
N GLU A 163 20.14 -0.02 -3.99
CA GLU A 163 20.51 -0.31 -2.60
C GLU A 163 19.45 0.11 -1.59
N ARG A 164 18.53 0.98 -1.95
CA ARG A 164 17.50 1.49 -1.08
C ARG A 164 16.17 0.78 -1.26
N LEU A 165 16.00 0.04 -2.34
CA LEU A 165 14.73 -0.60 -2.72
C LEU A 165 14.80 -2.11 -2.54
N LEU A 166 13.77 -2.67 -1.91
CA LEU A 166 13.54 -4.11 -1.93
C LEU A 166 12.25 -4.38 -2.71
N VAL A 167 12.36 -5.18 -3.77
CA VAL A 167 11.18 -5.64 -4.52
C VAL A 167 10.86 -7.01 -3.95
N PHE A 168 9.63 -7.20 -3.49
CA PHE A 168 9.25 -8.38 -2.70
C PHE A 168 7.88 -8.91 -3.07
N ASP A 169 7.79 -10.20 -3.25
CA ASP A 169 6.52 -10.93 -3.39
C ASP A 169 6.44 -11.88 -2.21
N VAL A 170 5.27 -11.96 -1.58
CA VAL A 170 5.09 -12.80 -0.42
C VAL A 170 5.43 -14.26 -0.67
N ARG A 171 5.33 -14.74 -1.90
CA ARG A 171 5.75 -16.10 -2.22
C ARG A 171 7.21 -16.36 -1.84
N GLU A 172 8.01 -15.32 -1.69
CA GLU A 172 9.41 -15.50 -1.39
C GLU A 172 9.66 -15.78 0.09
N GLY A 173 8.67 -15.53 0.93
CA GLY A 173 8.82 -15.82 2.36
C GLY A 173 9.76 -14.84 3.07
N TRP A 174 10.24 -15.32 4.22
CA TRP A 174 10.97 -14.43 5.12
C TRP A 174 12.35 -14.06 4.62
N GLU A 175 13.04 -14.97 3.94
CA GLU A 175 14.48 -14.81 3.74
C GLU A 175 14.86 -13.46 3.15
N PRO A 176 14.35 -13.05 1.98
N PRO A 176 14.16 -12.93 2.13
CA PRO A 176 14.90 -11.83 1.44
CA PRO A 176 14.54 -11.60 1.62
C PRO A 176 14.54 -10.64 2.28
C PRO A 176 14.28 -10.43 2.54
N LEU A 177 13.49 -10.76 3.11
N LEU A 177 13.18 -10.43 3.29
CA LEU A 177 13.03 -9.67 3.95
CA LEU A 177 12.99 -9.36 4.26
C LEU A 177 13.97 -9.51 5.16
C LEU A 177 14.06 -9.43 5.32
N CYS A 178 14.30 -10.62 5.82
CA CYS A 178 15.25 -10.67 6.91
C CYS A 178 16.63 -10.24 6.45
N ALA A 179 17.01 -10.62 5.23
CA ALA A 179 18.34 -10.25 4.73
C ALA A 179 18.43 -8.75 4.48
N PHE A 180 17.42 -8.15 3.84
CA PHE A 180 17.45 -6.73 3.51
C PHE A 180 17.46 -5.86 4.76
N PHE A 181 16.64 -6.20 5.76
CA PHE A 181 16.57 -5.42 6.99
C PHE A 181 17.49 -5.91 8.08
N GLY A 182 18.16 -7.04 7.89
CA GLY A 182 19.04 -7.60 8.89
C GLY A 182 18.37 -7.96 10.19
N ARG A 183 17.13 -8.40 10.14
CA ARG A 183 16.36 -8.72 11.35
C ARG A 183 16.05 -10.20 11.33
N PRO A 184 16.21 -10.89 12.44
CA PRO A 184 15.95 -12.33 12.48
C PRO A 184 14.46 -12.64 12.70
N VAL A 185 14.10 -13.82 12.26
CA VAL A 185 12.86 -14.46 12.71
C VAL A 185 13.22 -15.83 13.26
N PRO A 186 12.48 -16.40 14.22
CA PRO A 186 12.89 -17.68 14.76
C PRO A 186 12.92 -18.75 13.69
N PRO A 187 13.78 -19.76 13.86
CA PRO A 187 13.78 -20.88 12.89
C PRO A 187 12.39 -21.48 12.77
N ASP A 188 12.05 -21.93 11.57
CA ASP A 188 10.80 -22.66 11.34
C ASP A 188 9.57 -21.80 11.58
N THR A 189 9.67 -20.49 11.33
CA THR A 189 8.51 -19.62 11.46
C THR A 189 7.80 -19.55 10.13
N PRO A 190 6.53 -19.94 10.03
CA PRO A 190 5.85 -19.79 8.75
C PRO A 190 5.65 -18.33 8.37
N PHE A 191 5.67 -18.04 7.07
CA PHE A 191 5.39 -16.69 6.65
C PHE A 191 3.89 -16.41 6.75
N PRO A 192 3.48 -15.26 7.29
N PRO A 192 3.47 -15.27 7.29
CA PRO A 192 2.03 -15.02 7.44
CA PRO A 192 2.03 -15.04 7.50
C PRO A 192 1.31 -15.13 6.11
C PRO A 192 1.27 -14.98 6.18
N HIS A 193 0.08 -15.59 6.18
CA HIS A 193 -0.82 -15.57 5.00
C HIS A 193 -2.19 -15.17 5.53
N LEU A 194 -2.39 -13.88 5.64
CA LEU A 194 -3.56 -13.28 6.23
C LEU A 194 -4.48 -12.76 5.13
N ASN A 195 -5.77 -12.67 5.46
CA ASN A 195 -6.81 -12.33 4.46
C ASN A 195 -7.62 -11.16 5.00
N ASP A 196 -7.58 -10.01 4.31
CA ASP A 196 -8.38 -8.82 4.65
C ASP A 196 -9.57 -8.63 3.70
N ARG A 197 -9.92 -9.64 2.90
CA ARG A 197 -11.01 -9.44 1.92
C ARG A 197 -12.31 -9.06 2.61
N ALA A 198 -12.63 -9.69 3.74
CA ALA A 198 -13.93 -9.46 4.36
C ALA A 198 -14.08 -8.01 4.83
N ALA A 199 -12.99 -7.37 5.27
CA ALA A 199 -13.13 -5.99 5.73
C ALA A 199 -13.63 -5.09 4.63
N PHE A 200 -13.17 -5.35 3.39
CA PHE A 200 -13.63 -4.54 2.26
C PHE A 200 -14.97 -5.00 1.73
N GLN A 201 -15.18 -6.30 1.64
CA GLN A 201 -16.44 -6.81 1.08
C GLN A 201 -17.60 -6.51 1.99
N GLU A 202 -17.39 -6.35 3.29
CA GLU A 202 -18.46 -6.06 4.22
C GLU A 202 -18.74 -4.58 4.40
N LEU A 203 -17.90 -3.70 3.84
CA LEU A 203 -18.07 -2.27 4.09
C LEU A 203 -19.46 -1.78 3.68
N LEU A 204 -19.90 -2.12 2.47
CA LEU A 204 -21.17 -1.60 1.98
C LEU A 204 -22.35 -2.04 2.84
N SER A 205 -22.43 -3.33 3.12
CA SER A 205 -23.60 -3.89 3.80
C SER A 205 -23.72 -3.38 5.23
#